data_9RGW
#
_entry.id   9RGW
#
_cell.length_a   63.358
_cell.length_b   63.358
_cell.length_c   246.633
_cell.angle_alpha   90.000
_cell.angle_beta   90.000
_cell.angle_gamma   90.000
#
_symmetry.space_group_name_H-M   'P 41 21 2'
#
loop_
_entity.id
_entity.type
_entity.pdbx_description
1 polymer sc-apCC3-CW2
2 non-polymer 'SULFATE ION'
3 non-polymer GLYCEROL
4 water water
#
_entity_poly.entity_id   1
_entity_poly.type   'polypeptide(L)'
_entity_poly.pdbx_seq_one_letter_code
;MGSSHHHHHHSSGLVPRGSHMMLAALKEKLAALKEKNAALKYKLAALKKEKGETPELAALEKELAATEKELAALEWELAA
LEADPNPDPAKLAALEKKLAALEKKTAALEYKLAAL
;
_entity_poly.pdbx_strand_id   A,B,D
#
loop_
_chem_comp.id
_chem_comp.type
_chem_comp.name
_chem_comp.formula
GOL non-polymer GLYCEROL 'C3 H8 O3'
SO4 non-polymer 'SULFATE ION' 'O4 S -2'
#
# COMPACT_ATOMS: atom_id res chain seq x y z
N SER A 12 30.54 -7.16 -10.52
N SER A 12 30.48 -7.29 -10.48
CA SER A 12 29.08 -7.29 -10.61
CA SER A 12 29.02 -7.34 -10.55
C SER A 12 28.39 -6.19 -9.80
C SER A 12 28.39 -6.17 -9.79
N GLY A 13 29.13 -5.61 -8.85
CA GLY A 13 28.61 -4.47 -8.10
C GLY A 13 27.46 -4.85 -7.19
N LEU A 14 26.37 -4.10 -7.27
CA LEU A 14 25.19 -4.30 -6.46
C LEU A 14 24.13 -5.18 -7.13
N VAL A 15 24.46 -5.78 -8.27
CA VAL A 15 23.49 -6.63 -8.96
C VAL A 15 23.10 -7.85 -8.12
N PRO A 16 24.03 -8.61 -7.53
CA PRO A 16 23.58 -9.75 -6.69
C PRO A 16 22.76 -9.33 -5.49
N ARG A 17 23.11 -8.21 -4.84
CA ARG A 17 22.34 -7.76 -3.69
C ARG A 17 20.93 -7.33 -4.12
N GLY A 18 20.82 -6.63 -5.25
CA GLY A 18 19.50 -6.24 -5.73
C GLY A 18 18.62 -7.43 -6.05
N SER A 19 19.20 -8.45 -6.69
CA SER A 19 18.44 -9.66 -6.98
C SER A 19 18.03 -10.38 -5.71
N HIS A 20 18.92 -10.43 -4.72
CA HIS A 20 18.60 -11.09 -3.46
C HIS A 20 17.46 -10.37 -2.73
N MET A 21 17.51 -9.03 -2.71
CA MET A 21 16.44 -8.28 -2.05
C MET A 21 15.13 -8.36 -2.81
N MET A 22 15.18 -8.30 -4.14
CA MET A 22 13.96 -8.38 -4.93
C MET A 22 13.32 -9.76 -4.82
N LEU A 23 14.15 -10.82 -4.75
CA LEU A 23 13.60 -12.16 -4.55
C LEU A 23 12.78 -12.24 -3.27
N ALA A 24 13.34 -11.70 -2.17
CA ALA A 24 12.62 -11.74 -0.89
C ALA A 24 11.36 -10.89 -0.94
N ALA A 25 11.41 -9.74 -1.61
CA ALA A 25 10.22 -8.89 -1.71
C ALA A 25 9.13 -9.56 -2.53
N LEU A 26 9.50 -10.22 -3.63
CA LEU A 26 8.49 -10.88 -4.45
C LEU A 26 7.92 -12.11 -3.74
N LYS A 27 8.73 -12.80 -2.95
CA LYS A 27 8.25 -13.96 -2.21
C LYS A 27 7.14 -13.56 -1.24
N GLU A 28 7.33 -12.45 -0.53
CA GLU A 28 6.29 -11.98 0.38
C GLU A 28 5.11 -11.40 -0.38
N LYS A 29 5.38 -10.74 -1.52
CA LYS A 29 4.30 -10.20 -2.35
C LYS A 29 3.40 -11.32 -2.87
N LEU A 30 4.00 -12.41 -3.35
CA LEU A 30 3.21 -13.51 -3.88
C LEU A 30 2.39 -14.19 -2.79
N ALA A 31 3.01 -14.43 -1.63
CA ALA A 31 2.30 -15.09 -0.54
C ALA A 31 1.10 -14.27 -0.06
N ALA A 32 1.25 -12.94 -0.03
CA ALA A 32 0.13 -12.08 0.33
C ALA A 32 -0.97 -12.11 -0.72
N LEU A 33 -0.61 -12.25 -2.00
CA LEU A 33 -1.62 -12.35 -3.05
C LEU A 33 -2.38 -13.65 -2.96
N LYS A 34 -1.69 -14.76 -2.63
CA LYS A 34 -2.37 -16.04 -2.49
C LYS A 34 -3.41 -15.99 -1.38
N GLU A 35 -3.05 -15.43 -0.23
CA GLU A 35 -4.00 -15.31 0.87
C GLU A 35 -5.17 -14.41 0.50
N LYS A 36 -4.87 -13.26 -0.11
CA LYS A 36 -5.93 -12.31 -0.47
C LYS A 36 -6.87 -12.90 -1.51
N ASN A 37 -6.34 -13.65 -2.46
CA ASN A 37 -7.19 -14.22 -3.51
C ASN A 37 -8.03 -15.38 -2.97
N ALA A 38 -7.45 -16.19 -2.08
CA ALA A 38 -8.21 -17.29 -1.48
C ALA A 38 -9.33 -16.76 -0.59
N ALA A 39 -9.11 -15.63 0.09
CA ALA A 39 -10.17 -15.07 0.93
C ALA A 39 -11.37 -14.62 0.10
N LEU A 40 -11.16 -14.25 -1.15
CA LEU A 40 -12.28 -13.88 -2.01
C LEU A 40 -13.15 -15.08 -2.39
N LYS A 41 -12.65 -16.30 -2.20
CA LYS A 41 -13.48 -17.48 -2.43
C LYS A 41 -14.65 -17.52 -1.47
N TYR A 42 -14.41 -17.21 -0.20
CA TYR A 42 -15.46 -17.30 0.81
C TYR A 42 -16.54 -16.25 0.61
N LYS A 43 -16.13 -15.02 0.30
CA LYS A 43 -17.13 -13.99 -0.01
C LYS A 43 -17.90 -14.33 -1.28
N LEU A 44 -17.22 -14.86 -2.28
CA LEU A 44 -17.89 -15.20 -3.54
C LEU A 44 -18.89 -16.33 -3.36
N ALA A 45 -18.51 -17.37 -2.62
CA ALA A 45 -19.44 -18.47 -2.37
C ALA A 45 -20.64 -18.01 -1.54
N ALA A 46 -20.44 -17.04 -0.64
CA ALA A 46 -21.56 -16.49 0.10
C ALA A 46 -22.53 -15.76 -0.81
N LEU A 47 -21.99 -15.00 -1.77
CA LEU A 47 -22.85 -14.33 -2.74
C LEU A 47 -23.54 -15.33 -3.66
N LYS A 48 -22.85 -16.41 -4.02
CA LYS A 48 -23.47 -17.46 -4.81
C LYS A 48 -24.62 -18.11 -4.07
N LYS A 49 -24.48 -18.29 -2.75
CA LYS A 49 -25.56 -18.88 -1.97
C LYS A 49 -26.72 -17.91 -1.84
N GLU A 50 -26.43 -16.62 -1.66
CA GLU A 50 -27.48 -15.63 -1.41
C GLU A 50 -28.24 -15.28 -2.69
N LYS A 51 -27.53 -15.11 -3.81
CA LYS A 51 -28.14 -14.62 -5.03
C LYS A 51 -28.25 -15.67 -6.13
N GLY A 52 -27.68 -16.85 -5.94
CA GLY A 52 -27.60 -17.83 -6.99
C GLY A 52 -26.34 -17.63 -7.83
N GLU A 53 -26.06 -18.62 -8.67
CA GLU A 53 -24.88 -18.56 -9.54
C GLU A 53 -25.25 -17.78 -10.81
N THR A 54 -25.31 -16.47 -10.66
CA THR A 54 -25.67 -15.59 -11.76
C THR A 54 -24.53 -15.55 -12.80
N PRO A 55 -24.83 -15.11 -14.03
CA PRO A 55 -23.74 -14.93 -15.01
C PRO A 55 -22.64 -14.01 -14.52
N GLU A 56 -22.95 -13.03 -13.68
CA GLU A 56 -21.93 -12.15 -13.14
C GLU A 56 -21.04 -12.86 -12.14
N LEU A 57 -21.65 -13.59 -11.20
CA LEU A 57 -20.86 -14.32 -10.21
C LEU A 57 -20.07 -15.45 -10.86
N ALA A 58 -20.62 -16.08 -11.90
CA ALA A 58 -19.90 -17.13 -12.59
C ALA A 58 -18.63 -16.60 -13.26
N ALA A 59 -18.73 -15.42 -13.87
CA ALA A 59 -17.56 -14.82 -14.51
C ALA A 59 -16.51 -14.42 -13.49
N LEU A 60 -16.94 -13.95 -12.32
CA LEU A 60 -15.99 -13.59 -11.28
C LEU A 60 -15.30 -14.82 -10.69
N GLU A 61 -16.00 -15.95 -10.66
CA GLU A 61 -15.38 -17.18 -10.17
C GLU A 61 -14.29 -17.65 -11.13
N LYS A 62 -14.49 -17.47 -12.44
CA LYS A 62 -13.46 -17.82 -13.41
C LYS A 62 -12.25 -16.92 -13.28
N GLU A 63 -12.46 -15.62 -13.03
CA GLU A 63 -11.34 -14.71 -12.80
C GLU A 63 -10.52 -15.13 -11.59
N LEU A 64 -11.20 -15.44 -10.48
CA LEU A 64 -10.51 -15.88 -9.28
C LEU A 64 -9.73 -17.17 -9.53
N ALA A 65 -10.39 -18.16 -10.16
CA ALA A 65 -9.72 -19.42 -10.45
C ALA A 65 -8.51 -19.20 -11.37
N ALA A 66 -8.65 -18.31 -12.35
CA ALA A 66 -7.54 -18.06 -13.27
C ALA A 66 -6.40 -17.35 -12.56
N THR A 67 -6.72 -16.40 -11.67
CA THR A 67 -5.68 -15.73 -10.88
C THR A 67 -4.97 -16.73 -9.97
N GLU A 68 -5.74 -17.62 -9.34
CA GLU A 68 -5.14 -18.65 -8.49
C GLU A 68 -4.23 -19.57 -9.30
N LYS A 69 -4.62 -19.87 -10.53
CA LYS A 69 -3.80 -20.74 -11.37
C LYS A 69 -2.50 -20.05 -11.77
N GLU A 70 -2.55 -18.74 -12.05
CA GLU A 70 -1.34 -18.04 -12.46
C GLU A 70 -0.39 -17.85 -11.29
N LEU A 71 -0.91 -17.53 -10.10
CA LEU A 71 -0.07 -17.39 -8.92
C LEU A 71 0.68 -18.67 -8.60
N ALA A 72 0.02 -19.82 -8.78
CA ALA A 72 0.71 -21.09 -8.55
C ALA A 72 1.84 -21.30 -9.55
N ALA A 73 1.63 -20.90 -10.80
CA ALA A 73 2.67 -21.04 -11.82
C ALA A 73 3.81 -20.05 -11.59
N LEU A 74 3.49 -18.81 -11.21
CA LEU A 74 4.54 -17.84 -10.93
C LEU A 74 5.32 -18.21 -9.68
N GLU A 75 4.69 -18.95 -8.77
CA GLU A 75 5.40 -19.44 -7.58
C GLU A 75 6.49 -20.44 -7.97
N TRP A 76 6.19 -21.32 -8.93
CA TRP A 76 7.21 -22.20 -9.48
C TRP A 76 8.35 -21.40 -10.10
N GLU A 77 8.03 -20.36 -10.88
CA GLU A 77 9.06 -19.52 -11.47
C GLU A 77 9.91 -18.86 -10.39
N LEU A 78 9.27 -18.40 -9.32
CA LEU A 78 10.02 -17.78 -8.23
C LEU A 78 10.88 -18.80 -7.50
N ALA A 79 10.38 -20.03 -7.35
CA ALA A 79 11.17 -21.07 -6.71
C ALA A 79 12.42 -21.38 -7.52
N ALA A 80 12.30 -21.42 -8.85
CA ALA A 80 13.45 -21.73 -9.69
C ALA A 80 14.46 -20.59 -9.70
N LEU A 81 14.00 -19.35 -9.60
CA LEU A 81 14.90 -18.20 -9.52
C LEU A 81 15.62 -18.16 -8.19
N GLU A 82 14.97 -18.58 -7.11
CA GLU A 82 15.61 -18.61 -5.80
C GLU A 82 16.70 -19.67 -5.75
N ALA A 83 16.55 -20.75 -6.49
CA ALA A 83 17.58 -21.79 -6.55
C ALA A 83 18.75 -21.41 -7.45
N ASP A 84 18.58 -20.41 -8.29
CA ASP A 84 19.61 -20.03 -9.24
C ASP A 84 20.72 -19.27 -8.53
N PRO A 85 21.98 -19.70 -8.62
CA PRO A 85 23.06 -18.94 -7.96
C PRO A 85 23.23 -17.54 -8.51
N ASN A 86 22.85 -17.31 -9.76
CA ASN A 86 22.91 -15.98 -10.39
C ASN A 86 21.63 -15.75 -11.17
N PRO A 87 20.54 -15.42 -10.49
CA PRO A 87 19.26 -15.24 -11.18
C PRO A 87 19.31 -14.06 -12.14
N ASP A 88 18.53 -14.17 -13.20
CA ASP A 88 18.46 -13.12 -14.21
C ASP A 88 17.68 -11.93 -13.66
N PRO A 89 18.30 -10.75 -13.54
CA PRO A 89 17.54 -9.57 -13.08
C PRO A 89 16.37 -9.23 -13.97
N ALA A 90 16.44 -9.54 -15.27
CA ALA A 90 15.32 -9.27 -16.17
C ALA A 90 14.13 -10.17 -15.85
N LYS A 91 14.37 -11.40 -15.42
CA LYS A 91 13.27 -12.27 -15.03
C LYS A 91 12.63 -11.82 -13.73
N LEU A 92 13.44 -11.27 -12.80
CA LEU A 92 12.88 -10.75 -11.56
C LEU A 92 12.04 -9.49 -11.82
N ALA A 93 12.50 -8.62 -12.71
CA ALA A 93 11.74 -7.41 -13.01
C ALA A 93 10.44 -7.74 -13.72
N ALA A 94 10.46 -8.70 -14.65
CA ALA A 94 9.23 -9.11 -15.32
C ALA A 94 8.27 -9.80 -14.37
N LEU A 95 8.81 -10.55 -13.39
CA LEU A 95 7.94 -11.18 -12.40
C LEU A 95 7.31 -10.14 -11.49
N GLU A 96 8.06 -9.10 -11.12
CA GLU A 96 7.48 -8.04 -10.29
C GLU A 96 6.33 -7.34 -11.00
N LYS A 97 6.46 -7.15 -12.32
CA LYS A 97 5.40 -6.49 -13.09
C LYS A 97 4.14 -7.34 -13.14
N LYS A 98 4.29 -8.66 -13.32
CA LYS A 98 3.12 -9.54 -13.33
C LYS A 98 2.40 -9.53 -11.99
N LEU A 99 3.16 -9.66 -10.90
CA LEU A 99 2.55 -9.62 -9.58
C LEU A 99 1.87 -8.28 -9.30
N ALA A 100 2.47 -7.19 -9.79
CA ALA A 100 1.85 -5.87 -9.60
C ALA A 100 0.51 -5.77 -10.33
N ALA A 101 0.41 -6.38 -11.52
CA ALA A 101 -0.86 -6.36 -12.24
C ALA A 101 -1.87 -7.29 -11.58
N LEU A 102 -1.42 -8.44 -11.07
CA LEU A 102 -2.32 -9.33 -10.34
C LEU A 102 -2.80 -8.70 -9.04
N GLU A 103 -1.95 -7.88 -8.40
CA GLU A 103 -2.38 -7.14 -7.22
C GLU A 103 -3.51 -6.17 -7.57
N LYS A 104 -3.41 -5.50 -8.71
CA LYS A 104 -4.43 -4.54 -9.10
C LYS A 104 -5.74 -5.23 -9.47
N LYS A 105 -5.66 -6.39 -10.15
CA LYS A 105 -6.87 -7.15 -10.44
C LYS A 105 -7.52 -7.66 -9.17
N THR A 106 -6.72 -8.14 -8.22
CA THR A 106 -7.27 -8.68 -6.97
C THR A 106 -7.90 -7.56 -6.13
N ALA A 107 -7.28 -6.38 -6.11
CA ALA A 107 -7.86 -5.26 -5.37
C ALA A 107 -9.18 -4.82 -5.98
N ALA A 108 -9.29 -4.86 -7.31
CA ALA A 108 -10.54 -4.47 -7.95
C ALA A 108 -11.62 -5.52 -7.72
N LEU A 109 -11.26 -6.80 -7.78
CA LEU A 109 -12.23 -7.85 -7.51
C LEU A 109 -12.74 -7.78 -6.08
N GLU A 110 -11.87 -7.43 -5.13
CA GLU A 110 -12.28 -7.33 -3.74
C GLU A 110 -13.31 -6.21 -3.55
N TYR A 111 -13.06 -5.04 -4.15
CA TYR A 111 -14.03 -3.95 -4.07
C TYR A 111 -15.31 -4.27 -4.82
N LYS A 112 -15.20 -5.03 -5.92
CA LYS A 112 -16.38 -5.38 -6.71
C LYS A 112 -17.27 -6.39 -5.98
N LEU A 113 -16.66 -7.32 -5.24
CA LEU A 113 -17.45 -8.26 -4.47
C LEU A 113 -18.14 -7.58 -3.29
N ALA A 114 -17.47 -6.60 -2.68
CA ALA A 114 -18.07 -5.86 -1.58
C ALA A 114 -19.23 -4.99 -2.04
N ALA A 115 -19.25 -4.60 -3.32
CA ALA A 115 -20.34 -3.79 -3.85
C ALA A 115 -21.55 -4.63 -4.26
N LEU A 116 -21.41 -5.95 -4.33
CA LEU A 116 -22.52 -6.82 -4.67
C LEU A 116 -23.25 -7.28 -3.41
N ARG B 17 18.27 -2.75 -12.98
CA ARG B 17 18.96 -3.66 -12.08
C ARG B 17 20.07 -2.95 -11.30
N GLY B 18 20.59 -3.62 -10.29
CA GLY B 18 21.65 -3.06 -9.47
C GLY B 18 21.09 -2.33 -8.27
N SER B 19 21.50 -1.07 -8.09
CA SER B 19 20.97 -0.27 -6.99
C SER B 19 19.50 0.05 -7.19
N HIS B 20 19.02 0.06 -8.44
CA HIS B 20 17.62 0.37 -8.68
C HIS B 20 16.71 -0.83 -8.37
N MET B 21 17.24 -2.05 -8.47
CA MET B 21 16.47 -3.20 -8.02
C MET B 21 16.44 -3.27 -6.49
N MET B 22 17.55 -2.90 -5.83
CA MET B 22 17.53 -2.77 -4.38
C MET B 22 16.45 -1.77 -3.95
N LEU B 23 16.38 -0.63 -4.63
CA LEU B 23 15.41 0.40 -4.28
C LEU B 23 13.98 -0.06 -4.55
N ALA B 24 13.77 -0.80 -5.64
CA ALA B 24 12.44 -1.34 -5.91
C ALA B 24 12.02 -2.35 -4.84
N ALA B 25 12.98 -3.11 -4.31
CA ALA B 25 12.64 -4.04 -3.23
C ALA B 25 12.26 -3.29 -1.96
N LEU B 26 12.99 -2.21 -1.65
CA LEU B 26 12.63 -1.37 -0.50
C LEU B 26 11.25 -0.74 -0.69
N LYS B 27 10.90 -0.40 -1.93
CA LYS B 27 9.61 0.19 -2.20
C LYS B 27 8.48 -0.81 -2.00
N GLU B 28 8.69 -2.06 -2.42
CA GLU B 28 7.72 -3.11 -2.13
C GLU B 28 7.58 -3.34 -0.64
N LYS B 29 8.72 -3.30 0.08
CA LYS B 29 8.67 -3.46 1.53
C LYS B 29 7.93 -2.32 2.19
N LEU B 30 8.11 -1.09 1.70
CA LEU B 30 7.43 0.06 2.28
C LEU B 30 5.93 0.02 1.99
N ALA B 31 5.56 -0.44 0.79
CA ALA B 31 4.14 -0.48 0.42
C ALA B 31 3.39 -1.49 1.26
N ALA B 32 3.99 -2.66 1.51
CA ALA B 32 3.34 -3.65 2.37
C ALA B 32 3.23 -3.14 3.81
N LEU B 33 4.22 -2.38 4.27
CA LEU B 33 4.18 -1.84 5.63
C LEU B 33 3.09 -0.79 5.77
N LYS B 34 2.92 0.07 4.76
CA LYS B 34 1.84 1.05 4.79
C LYS B 34 0.48 0.36 4.87
N GLU B 35 0.31 -0.75 4.15
CA GLU B 35 -0.96 -1.46 4.16
C GLU B 35 -1.24 -2.09 5.52
N LYS B 36 -0.21 -2.67 6.15
CA LYS B 36 -0.39 -3.23 7.48
C LYS B 36 -0.72 -2.15 8.50
N ASN B 37 -0.05 -0.99 8.39
CA ASN B 37 -0.33 0.10 9.33
C ASN B 37 -1.76 0.60 9.19
N ALA B 38 -2.26 0.72 7.96
CA ALA B 38 -3.63 1.16 7.77
C ALA B 38 -4.63 0.16 8.31
N ALA B 39 -4.31 -1.13 8.23
CA ALA B 39 -5.20 -2.15 8.79
C ALA B 39 -5.25 -2.07 10.31
N LEU B 40 -4.11 -1.76 10.94
CA LEU B 40 -4.09 -1.61 12.39
C LEU B 40 -4.90 -0.39 12.84
N LYS B 41 -4.99 0.63 11.97
CA LYS B 41 -5.84 1.78 12.27
C LYS B 41 -7.30 1.36 12.47
N TYR B 42 -7.84 0.65 11.49
CA TYR B 42 -9.24 0.22 11.59
C TYR B 42 -9.43 -0.80 12.69
N LYS B 43 -8.43 -1.64 12.94
CA LYS B 43 -8.52 -2.57 14.06
C LYS B 43 -8.48 -1.84 15.40
N LEU B 44 -7.59 -0.85 15.53
CA LEU B 44 -7.48 -0.12 16.79
C LEU B 44 -8.76 0.64 17.10
N ALA B 45 -9.38 1.25 16.08
CA ALA B 45 -10.62 1.97 16.29
C ALA B 45 -11.76 1.02 16.66
N ALA B 46 -11.75 -0.18 16.10
CA ALA B 46 -12.77 -1.16 16.46
C ALA B 46 -12.62 -1.61 17.91
N LEU B 47 -11.37 -1.72 18.37
CA LEU B 47 -11.15 -2.11 19.77
C LEU B 47 -11.51 -0.98 20.72
N LYS B 48 -11.28 0.28 20.33
CA LYS B 48 -11.67 1.39 21.18
C LYS B 48 -13.17 1.44 21.41
N LYS B 49 -13.96 1.15 20.37
CA LYS B 49 -15.41 1.10 20.53
C LYS B 49 -15.83 -0.13 21.32
N GLU B 50 -15.11 -1.24 21.17
CA GLU B 50 -15.47 -2.47 21.86
C GLU B 50 -14.99 -2.48 23.31
N LYS B 51 -13.74 -2.09 23.55
CA LYS B 51 -13.14 -2.19 24.87
C LYS B 51 -13.13 -0.87 25.64
N GLY B 52 -13.45 0.24 25.00
CA GLY B 52 -13.25 1.54 25.59
C GLY B 52 -11.86 2.08 25.29
N GLU B 53 -11.72 3.40 25.39
CA GLU B 53 -10.43 4.05 25.16
C GLU B 53 -9.58 3.87 26.42
N THR B 54 -9.04 2.67 26.57
CA THR B 54 -8.23 2.34 27.72
C THR B 54 -6.88 3.06 27.64
N PRO B 55 -6.17 3.17 28.77
CA PRO B 55 -4.81 3.72 28.71
C PRO B 55 -3.92 2.96 27.74
N GLU B 56 -4.07 1.65 27.65
CA GLU B 56 -3.26 0.86 26.73
C GLU B 56 -3.59 1.19 25.27
N LEU B 57 -4.88 1.29 24.94
CA LEU B 57 -5.26 1.61 23.57
C LEU B 57 -4.86 3.02 23.18
N ALA B 58 -4.94 3.96 24.13
CA ALA B 58 -4.51 5.32 23.83
C ALA B 58 -3.02 5.38 23.52
N ALA B 59 -2.21 4.62 24.25
CA ALA B 59 -0.78 4.61 24.01
C ALA B 59 -0.45 3.94 22.68
N LEU B 60 -1.19 2.89 22.32
CA LEU B 60 -0.95 2.22 21.05
C LEU B 60 -1.35 3.10 19.87
N GLU B 61 -2.44 3.87 20.03
CA GLU B 61 -2.82 4.81 18.98
C GLU B 61 -1.76 5.88 18.77
N LYS B 62 -1.15 6.34 19.87
CA LYS B 62 -0.07 7.32 19.75
C LYS B 62 1.14 6.74 19.03
N GLU B 63 1.48 5.48 19.33
CA GLU B 63 2.60 4.84 18.64
C GLU B 63 2.28 4.59 17.17
N LEU B 64 1.04 4.19 16.88
CA LEU B 64 0.65 3.95 15.49
C LEU B 64 0.66 5.26 14.70
N ALA B 65 0.21 6.36 15.31
CA ALA B 65 0.24 7.64 14.62
C ALA B 65 1.67 8.09 14.34
N ALA B 66 2.58 7.86 15.29
CA ALA B 66 3.97 8.26 15.10
C ALA B 66 4.65 7.39 14.04
N THR B 67 4.37 6.08 14.04
CA THR B 67 5.02 5.22 13.05
C THR B 67 4.50 5.49 11.64
N GLU B 68 3.26 5.96 11.50
CA GLU B 68 2.75 6.35 10.19
C GLU B 68 3.44 7.63 9.70
N LYS B 69 3.71 8.56 10.62
CA LYS B 69 4.41 9.79 10.25
C LYS B 69 5.84 9.49 9.83
N GLU B 70 6.51 8.56 10.50
CA GLU B 70 7.87 8.20 10.12
C GLU B 70 7.90 7.46 8.78
N LEU B 71 6.94 6.57 8.56
CA LEU B 71 6.90 5.85 7.30
C LEU B 71 6.66 6.79 6.11
N ALA B 72 5.85 7.83 6.33
CA ALA B 72 5.61 8.82 5.28
C ALA B 72 6.87 9.61 4.97
N ALA B 73 7.67 9.90 6.00
CA ALA B 73 8.92 10.62 5.77
C ALA B 73 9.93 9.75 5.03
N LEU B 74 10.01 8.47 5.38
CA LEU B 74 10.87 7.55 4.64
C LEU B 74 10.47 7.44 3.18
N GLU B 75 9.16 7.53 2.91
CA GLU B 75 8.69 7.47 1.52
C GLU B 75 9.21 8.66 0.72
N TRP B 76 9.28 9.84 1.34
CA TRP B 76 9.89 10.98 0.66
C TRP B 76 11.35 10.71 0.32
N GLU B 77 12.10 10.13 1.27
CA GLU B 77 13.50 9.81 1.03
C GLU B 77 13.64 8.76 -0.07
N LEU B 78 12.77 7.75 -0.07
CA LEU B 78 12.77 6.77 -1.15
C LEU B 78 12.48 7.43 -2.49
N ALA B 79 11.57 8.40 -2.50
CA ALA B 79 11.26 9.10 -3.75
C ALA B 79 12.44 9.93 -4.23
N ALA B 80 13.20 10.51 -3.30
CA ALA B 80 14.41 11.25 -3.68
C ALA B 80 15.45 10.32 -4.27
N LEU B 81 15.62 9.13 -3.67
CA LEU B 81 16.61 8.18 -4.18
C LEU B 81 16.21 7.64 -5.56
N GLU B 82 14.91 7.44 -5.78
CA GLU B 82 14.48 6.89 -7.06
C GLU B 82 14.70 7.88 -8.20
N ALA B 83 14.58 9.18 -7.93
CA ALA B 83 14.85 10.20 -8.94
C ALA B 83 16.31 10.29 -9.31
N ASP B 84 17.19 9.72 -8.50
CA ASP B 84 18.62 9.78 -8.77
C ASP B 84 19.02 8.68 -9.76
N PRO B 85 19.71 9.02 -10.84
CA PRO B 85 20.18 7.96 -11.76
C PRO B 85 21.06 6.92 -11.09
N ASN B 86 21.88 7.32 -10.11
CA ASN B 86 22.71 6.39 -9.34
C ASN B 86 22.51 6.69 -7.87
N PRO B 87 21.47 6.12 -7.25
CA PRO B 87 21.19 6.43 -5.84
C PRO B 87 22.36 6.05 -4.95
N ASP B 88 22.62 6.90 -3.97
CA ASP B 88 23.73 6.71 -3.04
C ASP B 88 23.59 5.36 -2.32
N PRO B 89 24.55 4.45 -2.47
CA PRO B 89 24.42 3.13 -1.81
C PRO B 89 24.38 3.24 -0.29
N ALA B 90 25.08 4.20 0.31
CA ALA B 90 25.04 4.35 1.76
C ALA B 90 23.67 4.78 2.23
N LYS B 91 22.96 5.59 1.45
CA LYS B 91 21.60 5.96 1.81
C LYS B 91 20.63 4.80 1.62
N LEU B 92 20.90 3.93 0.64
CA LEU B 92 20.11 2.71 0.50
C LEU B 92 20.24 1.84 1.74
N ALA B 93 21.46 1.71 2.25
CA ALA B 93 21.66 0.89 3.45
C ALA B 93 21.00 1.52 4.67
N ALA B 94 21.05 2.85 4.79
CA ALA B 94 20.41 3.51 5.92
C ALA B 94 18.89 3.37 5.85
N LEU B 95 18.32 3.59 4.66
CA LEU B 95 16.88 3.41 4.47
C LEU B 95 16.47 1.97 4.73
N GLU B 96 17.29 1.02 4.29
CA GLU B 96 17.00 -0.39 4.52
C GLU B 96 16.93 -0.71 6.01
N LYS B 97 17.85 -0.16 6.80
CA LYS B 97 17.81 -0.38 8.25
C LYS B 97 16.59 0.28 8.88
N LYS B 98 16.26 1.51 8.46
CA LYS B 98 15.10 2.19 9.02
C LYS B 98 13.81 1.44 8.68
N LEU B 99 13.72 0.89 7.47
CA LEU B 99 12.54 0.11 7.10
C LEU B 99 12.42 -1.15 7.95
N ALA B 100 13.55 -1.83 8.20
CA ALA B 100 13.51 -3.00 9.08
C ALA B 100 13.09 -2.62 10.49
N ALA B 101 13.52 -1.44 10.96
CA ALA B 101 13.13 -0.99 12.29
C ALA B 101 11.63 -0.70 12.36
N LEU B 102 11.07 -0.07 11.31
CA LEU B 102 9.64 0.20 11.32
C LEU B 102 8.81 -1.07 11.21
N GLU B 103 9.36 -2.11 10.57
CA GLU B 103 8.66 -3.40 10.52
C GLU B 103 8.52 -3.99 11.91
N LYS B 104 9.59 -3.92 12.71
CA LYS B 104 9.54 -4.48 14.05
C LYS B 104 8.51 -3.75 14.92
N LYS B 105 8.39 -2.44 14.77
CA LYS B 105 7.40 -1.68 15.52
C LYS B 105 5.99 -2.06 15.08
N THR B 106 5.78 -2.27 13.78
CA THR B 106 4.47 -2.66 13.27
C THR B 106 4.09 -4.06 13.75
N ALA B 107 5.05 -4.99 13.76
CA ALA B 107 4.78 -6.31 14.31
C ALA B 107 4.51 -6.25 15.80
N ALA B 108 5.13 -5.30 16.51
CA ALA B 108 4.84 -5.11 17.92
C ALA B 108 3.41 -4.64 18.14
N LEU B 109 2.99 -3.62 17.38
CA LEU B 109 1.62 -3.12 17.50
C LEU B 109 0.60 -4.17 17.06
N GLU B 110 0.93 -4.96 16.04
CA GLU B 110 -0.01 -5.95 15.55
C GLU B 110 -0.28 -7.02 16.59
N TYR B 111 0.75 -7.44 17.33
CA TYR B 111 0.53 -8.44 18.36
C TYR B 111 -0.26 -7.88 19.53
N LYS B 112 0.11 -6.67 20.00
CA LYS B 112 -0.56 -6.10 21.17
C LYS B 112 -2.03 -5.85 20.90
N LEU B 113 -2.37 -5.42 19.68
CA LEU B 113 -3.78 -5.25 19.33
C LEU B 113 -4.51 -6.58 19.31
N ALA B 114 -3.88 -7.62 18.76
CA ALA B 114 -4.51 -8.94 18.72
C ALA B 114 -4.67 -9.53 20.11
N ALA B 115 -3.76 -9.21 21.03
CA ALA B 115 -3.85 -9.71 22.40
C ALA B 115 -4.85 -8.94 23.25
N LEU B 116 -5.18 -7.71 22.87
CA LEU B 116 -6.15 -6.91 23.61
C LEU B 116 -7.55 -7.47 23.44
N MET C 22 -22.20 2.19 2.25
CA MET C 22 -21.51 3.41 1.88
C MET C 22 -20.10 3.45 2.47
N LEU C 23 -19.94 2.80 3.63
CA LEU C 23 -18.63 2.75 4.27
C LEU C 23 -17.60 2.07 3.37
N ALA C 24 -18.03 1.09 2.57
CA ALA C 24 -17.12 0.47 1.62
C ALA C 24 -16.72 1.44 0.52
N ALA C 25 -17.66 2.30 0.10
CA ALA C 25 -17.35 3.27 -0.95
C ALA C 25 -16.36 4.32 -0.45
N LEU C 26 -16.53 4.81 0.77
CA LEU C 26 -15.60 5.80 1.30
C LEU C 26 -14.24 5.20 1.61
N LYS C 27 -14.20 3.93 2.03
CA LYS C 27 -12.92 3.28 2.28
C LYS C 27 -12.13 3.09 0.99
N GLU C 28 -12.81 2.67 -0.07
CA GLU C 28 -12.15 2.54 -1.37
C GLU C 28 -11.67 3.90 -1.87
N LYS C 29 -12.49 4.93 -1.73
CA LYS C 29 -12.12 6.25 -2.21
C LYS C 29 -10.93 6.81 -1.44
N LEU C 30 -10.92 6.66 -0.12
CA LEU C 30 -9.81 7.17 0.67
C LEU C 30 -8.52 6.40 0.40
N ALA C 31 -8.63 5.07 0.20
CA ALA C 31 -7.45 4.28 -0.09
C ALA C 31 -6.82 4.66 -1.42
N ALA C 32 -7.65 4.90 -2.44
CA ALA C 32 -7.14 5.28 -3.75
C ALA C 32 -6.50 6.67 -3.71
N LEU C 33 -7.07 7.59 -2.91
CA LEU C 33 -6.46 8.90 -2.75
C LEU C 33 -5.09 8.78 -2.09
N LYS C 34 -4.96 7.89 -1.10
CA LYS C 34 -3.67 7.70 -0.43
C LYS C 34 -2.62 7.19 -1.40
N GLU C 35 -2.98 6.26 -2.28
CA GLU C 35 -2.02 5.74 -3.24
C GLU C 35 -1.64 6.80 -4.28
N LYS C 36 -2.60 7.60 -4.72
CA LYS C 36 -2.33 8.63 -5.71
C LYS C 36 -1.35 9.67 -5.17
N ASN C 37 -1.59 10.15 -3.95
CA ASN C 37 -0.71 11.18 -3.39
C ASN C 37 0.68 10.62 -3.10
N ALA C 38 0.77 9.37 -2.64
CA ALA C 38 2.07 8.75 -2.45
C ALA C 38 2.84 8.67 -3.77
N ALA C 39 2.13 8.30 -4.86
CA ALA C 39 2.78 8.24 -6.16
C ALA C 39 3.23 9.61 -6.64
N LEU C 40 2.50 10.67 -6.28
CA LEU C 40 2.91 12.01 -6.67
C LEU C 40 4.21 12.43 -6.00
N LYS C 41 4.56 11.83 -4.85
CA LYS C 41 5.87 12.10 -4.24
C LYS C 41 6.99 11.76 -5.21
N TYR C 42 6.86 10.64 -5.92
CA TYR C 42 7.92 10.21 -6.84
C TYR C 42 7.95 11.10 -8.07
N LYS C 43 6.79 11.53 -8.57
CA LYS C 43 6.77 12.46 -9.70
C LYS C 43 7.41 13.79 -9.32
N LEU C 44 7.11 14.27 -8.11
CA LEU C 44 7.62 15.56 -7.68
C LEU C 44 9.13 15.51 -7.49
N ALA C 45 9.65 14.41 -6.94
CA ALA C 45 11.09 14.29 -6.76
C ALA C 45 11.83 14.25 -8.09
N ALA C 46 11.28 13.52 -9.07
CA ALA C 46 11.90 13.49 -10.40
C ALA C 46 11.90 14.86 -11.04
N LEU C 47 10.86 15.66 -10.79
CA LEU C 47 10.84 17.03 -11.31
C LEU C 47 11.91 17.90 -10.66
N LYS C 48 12.11 17.73 -9.34
CA LYS C 48 13.17 18.48 -8.66
C LYS C 48 14.54 18.05 -9.18
N LYS C 49 14.71 16.77 -9.50
CA LYS C 49 15.97 16.33 -10.08
C LYS C 49 16.16 16.84 -11.50
N GLU C 50 15.06 17.09 -12.21
CA GLU C 50 15.15 17.48 -13.61
C GLU C 50 15.40 18.98 -13.77
N LYS C 51 14.61 19.81 -13.07
CA LYS C 51 14.67 21.26 -13.25
C LYS C 51 15.02 22.00 -11.97
N GLY C 52 15.56 21.30 -10.96
CA GLY C 52 16.01 21.95 -9.75
C GLY C 52 14.90 22.16 -8.73
N GLU C 53 15.30 22.68 -7.57
CA GLU C 53 14.37 22.92 -6.47
C GLU C 53 13.78 24.32 -6.63
N THR C 54 12.84 24.43 -7.57
CA THR C 54 12.21 25.70 -7.85
C THR C 54 11.23 26.08 -6.74
N PRO C 55 10.95 27.38 -6.58
CA PRO C 55 9.92 27.78 -5.60
C PRO C 55 8.55 27.17 -5.89
N GLU C 56 8.23 26.92 -7.16
CA GLU C 56 6.96 26.28 -7.48
C GLU C 56 6.93 24.84 -6.99
N LEU C 57 8.01 24.09 -7.26
CA LEU C 57 8.06 22.70 -6.80
C LEU C 57 8.10 22.62 -5.28
N ALA C 58 8.72 23.60 -4.61
CA ALA C 58 8.69 23.62 -3.15
C ALA C 58 7.28 23.87 -2.63
N ALA C 59 6.53 24.74 -3.31
CA ALA C 59 5.15 24.98 -2.92
C ALA C 59 4.28 23.74 -3.14
N LEU C 60 4.46 23.06 -4.28
CA LEU C 60 3.69 21.85 -4.54
C LEU C 60 4.05 20.74 -3.56
N GLU C 61 5.30 20.69 -3.11
CA GLU C 61 5.71 19.68 -2.14
C GLU C 61 5.01 19.91 -0.80
N LYS C 62 4.83 21.17 -0.41
CA LYS C 62 4.13 21.47 0.84
C LYS C 62 2.65 21.15 0.73
N GLU C 63 2.05 21.40 -0.44
CA GLU C 63 0.64 21.04 -0.64
C GLU C 63 0.46 19.53 -0.57
N LEU C 64 1.38 18.77 -1.18
CA LEU C 64 1.29 17.32 -1.15
C LEU C 64 1.39 16.78 0.28
N ALA C 65 2.35 17.29 1.05
CA ALA C 65 2.51 16.83 2.43
C ALA C 65 1.32 17.20 3.30
N ALA C 66 0.71 18.38 3.05
CA ALA C 66 -0.47 18.76 3.80
C ALA C 66 -1.65 17.85 3.48
N THR C 67 -1.80 17.45 2.22
CA THR C 67 -2.87 16.54 1.84
C THR C 67 -2.68 15.17 2.48
N GLU C 68 -1.44 14.68 2.52
CA GLU C 68 -1.17 13.39 3.15
C GLU C 68 -1.49 13.42 4.64
N LYS C 69 -1.23 14.55 5.30
CA LYS C 69 -1.56 14.68 6.71
C LYS C 69 -3.07 14.70 6.92
N GLU C 70 -3.81 15.32 6.00
CA GLU C 70 -5.26 15.36 6.12
C GLU C 70 -5.87 14.00 5.82
N LEU C 71 -5.29 13.25 4.88
CA LEU C 71 -5.78 11.90 4.60
C LEU C 71 -5.57 10.96 5.77
N ALA C 72 -4.45 11.11 6.49
CA ALA C 72 -4.20 10.26 7.64
C ALA C 72 -5.20 10.54 8.76
N ALA C 73 -5.57 11.81 8.95
CA ALA C 73 -6.55 12.14 9.98
C ALA C 73 -7.95 11.72 9.56
N LEU C 74 -8.30 11.92 8.29
CA LEU C 74 -9.60 11.45 7.79
C LEU C 74 -9.72 9.94 7.87
N GLU C 75 -8.59 9.23 7.76
CA GLU C 75 -8.62 7.78 7.90
C GLU C 75 -8.98 7.37 9.33
N TRP C 76 -8.46 8.10 10.32
CA TRP C 76 -8.84 7.84 11.70
C TRP C 76 -10.33 8.06 11.92
N GLU C 77 -10.89 9.10 11.28
CA GLU C 77 -12.32 9.37 11.42
C GLU C 77 -13.14 8.28 10.74
N LEU C 78 -12.71 7.80 9.58
CA LEU C 78 -13.42 6.72 8.90
C LEU C 78 -13.31 5.42 9.70
N ALA C 79 -12.16 5.19 10.34
CA ALA C 79 -12.00 4.00 11.16
C ALA C 79 -12.97 3.99 12.33
N ALA C 80 -13.25 5.17 12.91
CA ALA C 80 -14.20 5.25 14.00
C ALA C 80 -15.63 5.11 13.51
N LEU C 81 -15.93 5.68 12.33
CA LEU C 81 -17.28 5.56 11.78
C LEU C 81 -17.58 4.12 11.37
N GLU C 82 -16.57 3.38 10.92
CA GLU C 82 -16.78 1.98 10.53
C GLU C 82 -16.90 1.08 11.76
N ALA C 83 -16.29 1.46 12.88
CA ALA C 83 -16.43 0.72 14.12
C ALA C 83 -17.73 1.02 14.85
N ASP C 84 -18.49 2.01 14.41
CA ASP C 84 -19.73 2.38 15.06
C ASP C 84 -20.87 1.55 14.50
N PRO C 85 -21.59 0.78 15.32
CA PRO C 85 -22.72 0.00 14.79
C PRO C 85 -23.81 0.86 14.17
N ASN C 86 -23.99 2.09 14.66
CA ASN C 86 -24.95 3.03 14.11
C ASN C 86 -24.23 4.36 13.89
N PRO C 87 -23.49 4.50 12.80
CA PRO C 87 -22.77 5.74 12.53
C PRO C 87 -23.74 6.86 12.16
N ASP C 88 -23.27 8.09 12.34
CA ASP C 88 -24.09 9.27 12.07
C ASP C 88 -23.94 9.67 10.61
N PRO C 89 -25.00 9.61 9.81
CA PRO C 89 -24.91 10.12 8.43
C PRO C 89 -24.52 11.59 8.35
N ALA C 90 -24.68 12.35 9.43
CA ALA C 90 -24.16 13.72 9.46
C ALA C 90 -22.65 13.74 9.34
N LYS C 91 -21.97 12.94 10.16
CA LYS C 91 -20.52 12.82 10.05
C LYS C 91 -20.11 12.00 8.83
N LEU C 92 -21.00 11.12 8.35
CA LEU C 92 -20.68 10.32 7.18
C LEU C 92 -20.73 11.15 5.91
N ALA C 93 -21.75 11.99 5.76
CA ALA C 93 -21.85 12.86 4.59
C ALA C 93 -20.78 13.94 4.61
N ALA C 94 -20.40 14.42 5.80
CA ALA C 94 -19.31 15.38 5.91
C ALA C 94 -17.99 14.78 5.47
N LEU C 95 -17.78 13.49 5.73
CA LEU C 95 -16.56 12.82 5.29
C LEU C 95 -16.54 12.65 3.77
N GLU C 96 -17.69 12.32 3.18
CA GLU C 96 -17.76 12.18 1.74
C GLU C 96 -17.47 13.49 1.04
N LYS C 97 -17.95 14.61 1.61
CA LYS C 97 -17.69 15.92 1.01
C LYS C 97 -16.22 16.30 1.10
N LYS C 98 -15.54 15.90 2.17
CA LYS C 98 -14.12 16.22 2.29
C LYS C 98 -13.28 15.35 1.35
N LEU C 99 -13.68 14.08 1.17
CA LEU C 99 -12.97 13.22 0.23
C LEU C 99 -13.20 13.67 -1.22
N ALA C 100 -14.41 14.14 -1.52
CA ALA C 100 -14.68 14.63 -2.87
C ALA C 100 -13.82 15.84 -3.20
N ALA C 101 -13.63 16.74 -2.23
CA ALA C 101 -12.77 17.90 -2.44
C ALA C 101 -11.32 17.48 -2.60
N LEU C 102 -10.87 16.48 -1.84
CA LEU C 102 -9.49 16.02 -1.97
C LEU C 102 -9.25 15.30 -3.29
N GLU C 103 -10.30 14.71 -3.88
CA GLU C 103 -10.17 14.12 -5.20
C GLU C 103 -9.92 15.19 -6.26
N LYS C 104 -10.69 16.29 -6.21
CA LYS C 104 -10.50 17.37 -7.17
C LYS C 104 -9.12 18.00 -7.02
N LYS C 105 -8.66 18.19 -5.77
CA LYS C 105 -7.33 18.76 -5.56
C LYS C 105 -6.25 17.82 -6.06
N THR C 106 -6.43 16.51 -5.89
CA THR C 106 -5.42 15.55 -6.32
C THR C 106 -5.39 15.42 -7.83
N ALA C 107 -6.55 15.47 -8.48
CA ALA C 107 -6.58 15.42 -9.95
C ALA C 107 -5.88 16.63 -10.54
N ALA C 108 -6.15 17.82 -10.00
CA ALA C 108 -5.50 19.03 -10.50
C ALA C 108 -3.99 18.97 -10.31
N LEU C 109 -3.54 18.47 -9.16
CA LEU C 109 -2.10 18.35 -8.92
C LEU C 109 -1.48 17.30 -9.82
N GLU C 110 -2.21 16.20 -10.08
CA GLU C 110 -1.69 15.16 -10.94
C GLU C 110 -1.50 15.66 -12.38
N TYR C 111 -2.47 16.42 -12.89
CA TYR C 111 -2.32 17.00 -14.22
C TYR C 111 -1.21 18.04 -14.24
N LYS C 112 -1.13 18.88 -13.20
CA LYS C 112 -0.13 19.94 -13.15
C LYS C 112 1.28 19.37 -13.19
N LEU C 113 1.54 18.31 -12.43
CA LEU C 113 2.87 17.71 -12.42
C LEU C 113 3.20 17.03 -13.75
N ALA C 114 2.22 16.35 -14.35
CA ALA C 114 2.46 15.66 -15.60
C ALA C 114 2.58 16.61 -16.79
N ALA C 115 2.06 17.82 -16.66
CA ALA C 115 2.10 18.79 -17.75
C ALA C 115 3.38 19.63 -17.75
N LEU C 116 4.17 19.58 -16.69
CA LEU C 116 5.41 20.34 -16.63
C LEU C 116 6.45 19.79 -17.61
S SO4 D . 19.07 -10.08 4.41
O1 SO4 D . 18.16 -10.70 5.37
O2 SO4 D . 18.31 -9.56 3.29
O3 SO4 D . 19.79 -9.00 5.06
O4 SO4 D . 20.02 -11.08 3.93
C1 GOL E . 25.63 1.23 -9.59
O1 GOL E . 24.68 2.08 -9.01
C2 GOL E . 25.26 -0.22 -9.16
O2 GOL E . 23.97 -0.58 -9.57
C3 GOL E . 26.34 -1.10 -9.80
O3 GOL E . 25.89 -2.42 -9.75
#